data_2AAI
#
_entry.id   2AAI
#
_cell.length_a   72.740
_cell.length_b   78.490
_cell.length_c   114.340
_cell.angle_alpha   90.00
_cell.angle_beta   90.00
_cell.angle_gamma   90.00
#
_symmetry.space_group_name_H-M   'P 21 21 21'
#
loop_
_entity.id
_entity.type
_entity.pdbx_description
1 polymer 'RICIN (A CHAIN)'
2 polymer 'RICIN (B CHAIN)'
3 branched beta-D-galactopyranose-(1-4)-beta-D-glucopyranose
4 branched alpha-D-mannopyranose-(1-3)-[alpha-D-mannopyranose-(1-6)]beta-D-mannopyranose-(1-4)-2-acetamido-2-deoxy-beta-D-glucopyranose-(1-4)-2-acetamido-2-deoxy-beta-D-glucopyranose
5 water water
#
loop_
_entity_poly.entity_id
_entity_poly.type
_entity_poly.pdbx_seq_one_letter_code
_entity_poly.pdbx_strand_id
1 'polypeptide(L)'
;IFPKQYPIINFTTAGATVQSYTNFIRAVRGRLTTGADVRHEIPVLPNRVGLPINQRFILVELSNHAELSVTLALDVTNAY
VVGYRAGNSAYFFHPDNQEDAEAITHLFTDVQNRYTFAFGGNYDRLEQLAGNLRENIELGNGPLEEAISALYYYSTGGTQ
LPTLARSFIICIQMISEAARFQYIEGEMRTRIRYNRRSAPDPSVITLENSWGRLSTAIQESNQGAFASPIQLQRRNGSKF
SVYDVSILIPIIALMVYRCAPPPSSQF
;
A
2 'polypeptide(L)'
;ADVCMDPEPIVRIVGRNGLCVDVRDGRFHNGNAIQLWPCKSNTDANQLWTLKRDNTIRSNGKCLTTYGYSPGVYVMIYDC
NTAATDATRWQIWDNGTIINPRSSLVLAATSGNSGTTLTVQTNIYAVSQGWLPTNNTQPFVTTIVGLYGLCLQANSGQVW
IEDCSSEKAEQQWALYADGSIRPQQNRDNCLTSDSNIRETVVKILSCGPASSGQRWMFKNDGTILNLYSGLVLDVRASDP
SLKQIILYPLHGDPNQIWLPLF
;
B
#
# COMPACT_ATOMS: atom_id res chain seq x y z
N ILE A 1 11.62 -17.66 31.78
CA ILE A 1 11.72 -18.31 30.48
C ILE A 1 12.93 -17.77 29.72
N PHE A 2 12.86 -16.52 29.22
CA PHE A 2 13.86 -15.99 28.26
C PHE A 2 15.40 -15.97 28.56
N PRO A 3 16.24 -16.64 27.78
CA PRO A 3 17.67 -16.38 27.62
C PRO A 3 17.83 -15.52 26.36
N LYS A 4 18.51 -16.02 25.28
CA LYS A 4 18.76 -15.35 23.99
C LYS A 4 19.16 -13.91 24.20
N GLN A 5 18.59 -12.91 23.54
CA GLN A 5 19.00 -11.53 23.59
C GLN A 5 18.14 -10.95 22.47
N TYR A 6 17.31 -9.91 22.65
CA TYR A 6 16.52 -9.41 21.53
C TYR A 6 17.38 -8.66 20.56
N PRO A 7 16.98 -8.51 19.29
CA PRO A 7 17.67 -7.74 18.24
C PRO A 7 17.76 -6.23 18.43
N ILE A 8 18.81 -5.48 18.08
CA ILE A 8 18.92 -4.05 18.36
C ILE A 8 19.29 -3.28 17.10
N ILE A 9 18.46 -2.34 16.65
CA ILE A 9 18.66 -1.50 15.47
C ILE A 9 18.88 -0.14 16.12
N ASN A 10 19.95 0.59 15.79
CA ASN A 10 20.05 1.93 16.35
C ASN A 10 20.12 2.97 15.32
N PHE A 11 19.50 4.05 15.66
CA PHE A 11 19.46 5.18 14.78
C PHE A 11 20.05 6.36 15.59
N THR A 12 20.59 7.37 14.92
CA THR A 12 20.94 8.54 15.66
C THR A 12 20.44 9.76 14.88
N THR A 13 19.84 10.68 15.67
CA THR A 13 19.33 11.89 15.06
C THR A 13 20.43 12.91 14.82
N ALA A 14 21.60 12.64 15.39
CA ALA A 14 22.79 13.44 15.26
C ALA A 14 23.04 13.77 13.84
N GLY A 15 23.73 13.09 12.96
CA GLY A 15 23.87 13.66 11.61
C GLY A 15 22.98 12.92 10.62
N ALA A 16 21.69 12.90 11.00
CA ALA A 16 20.58 12.28 10.30
C ALA A 16 20.33 12.80 8.89
N THR A 17 20.09 11.94 7.94
CA THR A 17 20.06 12.31 6.55
C THR A 17 18.93 11.46 5.95
N VAL A 18 18.46 11.62 4.70
CA VAL A 18 17.32 10.84 4.24
C VAL A 18 17.82 9.41 4.11
N GLN A 19 19.05 9.12 3.68
CA GLN A 19 19.45 7.73 3.65
C GLN A 19 19.56 7.09 5.00
N SER A 20 20.10 7.69 6.08
CA SER A 20 20.18 6.91 7.31
C SER A 20 18.79 6.80 7.89
N TYR A 21 17.84 7.71 7.65
CA TYR A 21 16.46 7.45 8.06
C TYR A 21 15.99 6.21 7.29
N THR A 22 16.10 6.21 5.93
CA THR A 22 15.64 5.16 5.10
C THR A 22 16.25 3.87 5.50
N ASN A 23 17.56 3.75 5.73
CA ASN A 23 18.10 2.44 6.13
C ASN A 23 17.70 2.08 7.56
N PHE A 24 17.28 3.01 8.43
CA PHE A 24 16.90 2.66 9.79
C PHE A 24 15.61 1.88 9.70
N ILE A 25 14.65 2.39 8.88
CA ILE A 25 13.33 1.78 8.65
C ILE A 25 13.39 0.49 7.86
N ARG A 26 14.13 0.29 6.78
CA ARG A 26 14.29 -1.06 6.22
C ARG A 26 14.80 -2.01 7.26
N ALA A 27 15.76 -1.68 8.12
CA ALA A 27 16.30 -2.53 9.18
C ALA A 27 15.28 -2.90 10.23
N VAL A 28 14.39 -2.00 10.62
CA VAL A 28 13.22 -2.22 11.51
C VAL A 28 12.22 -3.19 10.84
N ARG A 29 11.82 -2.90 9.61
CA ARG A 29 10.89 -3.68 8.80
C ARG A 29 11.45 -5.11 8.64
N GLY A 30 12.72 -5.28 8.33
CA GLY A 30 13.32 -6.58 8.15
C GLY A 30 13.46 -7.34 9.44
N ARG A 31 13.30 -6.69 10.57
CA ARG A 31 13.42 -7.32 11.88
C ARG A 31 12.04 -7.64 12.41
N LEU A 32 10.97 -7.00 11.95
CA LEU A 32 9.62 -7.32 12.39
C LEU A 32 9.02 -8.57 11.72
N THR A 33 9.16 -8.73 10.40
CA THR A 33 8.63 -9.86 9.65
C THR A 33 9.72 -10.86 9.32
N THR A 34 9.35 -12.15 9.23
CA THR A 34 10.26 -13.24 8.87
C THR A 34 10.19 -13.66 7.40
N GLY A 35 9.42 -12.97 6.57
CA GLY A 35 9.43 -13.28 5.17
C GLY A 35 8.46 -14.39 4.76
N ALA A 36 7.91 -15.07 5.76
CA ALA A 36 7.12 -16.20 5.50
C ALA A 36 5.77 -15.92 4.87
N ASP A 37 5.10 -14.84 5.25
CA ASP A 37 3.71 -14.63 4.90
C ASP A 37 3.60 -13.26 4.28
N VAL A 38 3.45 -13.24 2.96
CA VAL A 38 3.20 -12.03 2.18
C VAL A 38 1.80 -12.29 1.57
N ARG A 39 0.86 -11.35 1.58
CA ARG A 39 -0.46 -11.57 1.09
C ARG A 39 -0.83 -10.41 0.21
N HIS A 40 -1.02 -10.58 -1.10
CA HIS A 40 -1.32 -9.53 -2.09
C HIS A 40 -0.15 -8.58 -2.07
N GLU A 41 1.07 -9.15 -2.08
CA GLU A 41 2.31 -8.41 -2.06
C GLU A 41 2.82 -7.66 -0.81
N ILE A 42 2.05 -7.33 0.25
CA ILE A 42 2.47 -6.68 1.53
C ILE A 42 2.96 -7.68 2.57
N PRO A 43 3.99 -7.52 3.41
CA PRO A 43 4.26 -8.42 4.52
C PRO A 43 3.28 -8.43 5.67
N VAL A 44 3.06 -9.64 6.25
CA VAL A 44 2.18 -9.82 7.41
C VAL A 44 3.12 -10.17 8.56
N LEU A 45 2.80 -9.65 9.74
CA LEU A 45 3.67 -9.78 10.94
C LEU A 45 3.34 -11.11 11.64
N PRO A 46 4.10 -11.54 12.66
CA PRO A 46 3.83 -12.81 13.27
C PRO A 46 2.51 -12.80 13.99
N ASN A 47 2.01 -13.98 14.27
CA ASN A 47 0.75 -14.19 15.00
C ASN A 47 1.21 -14.28 16.46
N ARG A 48 0.57 -13.56 17.41
CA ARG A 48 0.99 -13.57 18.80
C ARG A 48 0.63 -14.83 19.55
N VAL A 49 -0.14 -15.75 18.96
CA VAL A 49 -0.51 -17.03 19.58
C VAL A 49 0.76 -17.80 19.37
N GLY A 50 1.02 -18.12 18.13
CA GLY A 50 2.24 -18.88 17.86
C GLY A 50 3.42 -17.90 17.88
N LEU A 51 3.98 -17.71 19.12
CA LEU A 51 5.23 -16.97 19.24
C LEU A 51 5.93 -17.20 20.58
N PRO A 52 7.17 -17.73 20.53
CA PRO A 52 8.07 -17.76 21.67
C PRO A 52 8.37 -16.38 22.19
N ILE A 53 8.40 -16.07 23.49
CA ILE A 53 8.84 -14.72 23.96
C ILE A 53 10.19 -14.21 23.53
N ASN A 54 11.14 -15.07 23.21
CA ASN A 54 12.42 -14.66 22.64
C ASN A 54 12.29 -14.18 21.25
N GLN A 55 11.22 -14.52 20.56
CA GLN A 55 11.03 -13.96 19.24
C GLN A 55 10.14 -12.74 19.30
N ARG A 56 9.54 -12.39 20.44
CA ARG A 56 8.54 -11.35 20.63
C ARG A 56 8.76 -9.86 20.47
N PHE A 57 9.92 -9.28 20.75
CA PHE A 57 10.15 -7.84 20.78
C PHE A 57 11.49 -7.60 20.16
N ILE A 58 11.66 -6.46 19.54
CA ILE A 58 12.90 -6.07 18.99
C ILE A 58 13.24 -4.77 19.71
N LEU A 59 14.51 -4.39 19.78
CA LEU A 59 14.93 -3.20 20.48
C LEU A 59 15.47 -2.10 19.59
N VAL A 60 15.02 -0.88 19.73
CA VAL A 60 15.45 0.24 18.87
C VAL A 60 16.30 1.19 19.78
N GLU A 61 17.62 1.45 19.60
CA GLU A 61 18.34 2.37 20.50
C GLU A 61 18.41 3.70 19.81
N LEU A 62 17.78 4.76 20.29
CA LEU A 62 17.87 6.04 19.62
C LEU A 62 18.81 6.92 20.45
N SER A 63 19.60 7.85 19.89
CA SER A 63 20.46 8.82 20.58
C SER A 63 20.52 10.17 19.82
N ASN A 64 21.08 11.19 20.50
CA ASN A 64 21.26 12.58 20.08
C ASN A 64 22.73 12.93 19.76
N HIS A 65 23.30 13.77 18.84
CA HIS A 65 24.75 14.22 18.99
C HIS A 65 24.55 15.61 19.54
N ALA A 66 24.33 15.32 20.83
CA ALA A 66 23.90 16.28 21.81
C ALA A 66 23.73 15.49 23.09
N GLU A 67 24.46 14.38 23.21
CA GLU A 67 24.56 13.49 24.37
C GLU A 67 23.72 12.22 24.64
N LEU A 68 22.42 12.31 24.89
CA LEU A 68 21.68 11.20 25.49
C LEU A 68 21.38 10.02 24.58
N SER A 69 20.69 8.98 25.06
CA SER A 69 20.29 7.79 24.33
C SER A 69 19.17 7.07 25.08
N VAL A 70 18.20 6.45 24.42
CA VAL A 70 17.05 5.73 25.00
C VAL A 70 16.81 4.46 24.15
N THR A 71 16.21 3.42 24.71
CA THR A 71 15.96 2.23 23.92
C THR A 71 14.51 1.85 23.95
N LEU A 72 13.82 1.90 22.79
CA LEU A 72 12.42 1.48 22.70
C LEU A 72 12.18 0.04 22.25
N ALA A 73 11.36 -0.65 22.99
CA ALA A 73 10.98 -2.02 22.72
C ALA A 73 9.75 -2.07 21.79
N LEU A 74 9.98 -2.56 20.57
CA LEU A 74 8.89 -2.68 19.62
C LEU A 74 8.28 -4.06 19.72
N ASP A 75 6.95 -4.22 19.72
CA ASP A 75 6.36 -5.53 19.69
C ASP A 75 6.24 -5.97 18.22
N VAL A 76 6.86 -7.08 17.91
CA VAL A 76 6.92 -7.71 16.60
C VAL A 76 5.55 -8.00 15.95
N THR A 77 4.55 -8.30 16.74
CA THR A 77 3.23 -8.62 16.23
C THR A 77 2.35 -7.45 15.80
N ASN A 78 2.63 -6.21 16.18
CA ASN A 78 1.87 -5.05 15.72
C ASN A 78 2.81 -3.83 15.47
N ALA A 79 4.14 -4.09 15.44
CA ALA A 79 5.18 -3.09 15.30
C ALA A 79 5.11 -1.92 16.28
N TYR A 80 4.53 -2.03 17.47
CA TYR A 80 4.22 -0.90 18.33
C TYR A 80 5.04 -0.93 19.58
N VAL A 81 5.34 0.29 20.08
CA VAL A 81 6.14 0.49 21.26
C VAL A 81 5.38 0.10 22.54
N VAL A 82 5.97 -0.89 23.28
CA VAL A 82 5.56 -1.29 24.63
C VAL A 82 6.27 -0.57 25.78
N GLY A 83 7.48 -0.08 25.60
CA GLY A 83 8.12 0.70 26.63
C GLY A 83 9.50 1.10 26.20
N TYR A 84 10.29 1.43 27.21
CA TYR A 84 11.65 1.90 27.02
C TYR A 84 12.57 1.87 28.26
N ARG A 85 13.87 1.98 28.04
CA ARG A 85 14.91 1.99 29.06
C ARG A 85 15.66 3.27 28.86
N ALA A 86 15.99 3.91 29.95
CA ALA A 86 16.69 5.17 29.94
C ALA A 86 17.56 5.04 31.17
N GLY A 87 18.85 4.95 30.94
CA GLY A 87 19.71 4.94 32.09
C GLY A 87 19.54 3.70 32.91
N ASN A 88 19.22 3.88 34.15
CA ASN A 88 19.09 2.72 35.02
C ASN A 88 17.62 2.30 35.13
N SER A 89 16.76 2.96 34.35
CA SER A 89 15.34 2.81 34.51
C SER A 89 14.61 2.28 33.27
N ALA A 90 13.47 1.59 33.37
CA ALA A 90 12.74 0.97 32.29
C ALA A 90 11.28 1.28 32.60
N TYR A 91 10.56 1.90 31.69
CA TYR A 91 9.17 2.29 31.85
C TYR A 91 8.32 1.65 30.76
N PHE A 92 7.17 1.10 31.08
CA PHE A 92 6.32 0.39 30.13
C PHE A 92 4.89 0.91 30.17
N PHE A 93 4.24 1.04 29.02
CA PHE A 93 2.81 1.26 29.01
C PHE A 93 2.07 0.10 29.66
N HIS A 94 0.93 0.51 30.17
CA HIS A 94 0.15 -0.37 30.97
C HIS A 94 -0.49 -1.45 30.13
N PRO A 95 -0.05 -2.72 30.21
CA PRO A 95 -0.52 -3.80 29.36
C PRO A 95 -2.03 -3.86 29.48
N ASP A 96 -2.73 -4.15 28.40
CA ASP A 96 -4.15 -4.12 28.53
C ASP A 96 -4.70 -5.54 28.67
N ASN A 97 -3.86 -6.60 28.83
CA ASN A 97 -4.39 -7.94 29.01
C ASN A 97 -3.36 -8.81 29.70
N GLN A 98 -3.82 -9.86 30.33
CA GLN A 98 -3.00 -10.80 31.08
C GLN A 98 -1.89 -11.44 30.29
N GLU A 99 -2.02 -11.72 28.98
CA GLU A 99 -0.95 -12.45 28.29
C GLU A 99 0.23 -11.50 28.21
N ASP A 100 -0.03 -10.27 27.72
CA ASP A 100 0.98 -9.21 27.63
C ASP A 100 1.67 -8.81 28.88
N ALA A 101 0.98 -8.51 29.92
CA ALA A 101 1.66 -8.28 31.18
C ALA A 101 2.66 -9.40 31.55
N GLU A 102 2.49 -10.68 31.24
CA GLU A 102 3.50 -11.67 31.60
C GLU A 102 4.73 -11.38 30.75
N ALA A 103 4.52 -11.07 29.45
CA ALA A 103 5.57 -10.92 28.44
C ALA A 103 6.57 -9.84 28.70
N ILE A 104 6.04 -8.68 29.06
CA ILE A 104 6.78 -7.46 29.30
C ILE A 104 7.87 -7.71 30.36
N THR A 105 7.66 -8.58 31.35
CA THR A 105 8.68 -9.16 32.26
C THR A 105 10.02 -9.56 31.68
N HIS A 106 10.09 -9.80 30.38
CA HIS A 106 11.32 -10.28 29.79
C HIS A 106 12.04 -9.19 29.06
N LEU A 107 11.50 -7.98 29.06
CA LEU A 107 12.18 -6.95 28.36
C LEU A 107 13.48 -6.38 28.87
N PHE A 108 13.65 -5.61 29.94
CA PHE A 108 15.03 -5.09 30.18
C PHE A 108 15.39 -5.58 31.55
N THR A 109 15.69 -6.86 31.51
CA THR A 109 15.91 -7.62 32.69
C THR A 109 17.07 -7.14 33.51
N ASP A 110 18.04 -6.35 33.04
CA ASP A 110 19.12 -5.97 33.90
C ASP A 110 18.72 -4.75 34.71
N VAL A 111 17.66 -4.03 34.40
CA VAL A 111 17.52 -2.74 35.07
C VAL A 111 17.31 -2.81 36.58
N GLN A 112 17.83 -1.73 37.25
CA GLN A 112 17.57 -1.40 38.64
C GLN A 112 16.08 -1.51 38.89
N ASN A 113 15.14 -0.65 38.52
CA ASN A 113 13.78 -1.19 38.57
C ASN A 113 12.75 -0.45 37.73
N ARG A 114 12.03 -1.44 37.17
CA ARG A 114 11.12 -1.30 36.09
C ARG A 114 9.94 -0.57 36.61
N TYR A 115 9.32 0.34 35.86
CA TYR A 115 8.13 1.08 36.34
C TYR A 115 7.01 0.90 35.33
N THR A 116 5.74 0.61 35.70
CA THR A 116 4.66 0.45 34.71
C THR A 116 3.68 1.58 34.85
N PHE A 117 3.45 2.26 33.74
CA PHE A 117 2.59 3.42 33.72
C PHE A 117 1.16 3.09 34.05
N ALA A 118 0.34 4.08 34.42
CA ALA A 118 -1.05 3.82 34.71
C ALA A 118 -1.88 3.89 33.44
N PHE A 119 -1.35 4.51 32.39
CA PHE A 119 -2.03 4.72 31.14
C PHE A 119 -1.48 3.83 30.03
N GLY A 120 -2.16 3.82 28.90
CA GLY A 120 -1.75 3.05 27.78
C GLY A 120 -1.11 3.95 26.79
N GLY A 121 -0.54 3.34 25.78
CA GLY A 121 0.15 4.08 24.72
C GLY A 121 -0.74 4.20 23.50
N ASN A 122 -2.05 3.88 23.64
CA ASN A 122 -2.92 4.16 22.53
C ASN A 122 -3.00 5.70 22.47
N TYR A 123 -2.98 6.27 21.25
CA TYR A 123 -2.96 7.71 21.01
C TYR A 123 -4.04 8.37 21.78
N ASP A 124 -5.29 7.93 21.70
CA ASP A 124 -6.41 8.46 22.47
C ASP A 124 -5.95 8.92 23.87
N ARG A 125 -5.25 8.04 24.61
CA ARG A 125 -4.83 8.33 25.98
C ARG A 125 -3.70 9.33 25.92
N LEU A 126 -2.72 9.09 25.09
CA LEU A 126 -1.53 9.90 25.06
C LEU A 126 -1.87 11.31 24.70
N GLU A 127 -2.80 11.53 23.76
CA GLU A 127 -3.15 12.88 23.28
C GLU A 127 -3.99 13.55 24.32
N GLN A 128 -4.77 12.85 25.10
CA GLN A 128 -5.50 13.53 26.17
C GLN A 128 -4.45 14.00 27.19
N LEU A 129 -3.42 13.19 27.42
CA LEU A 129 -2.43 13.48 28.44
C LEU A 129 -1.46 14.53 27.99
N ALA A 130 -1.31 14.73 26.70
CA ALA A 130 -0.49 15.80 26.17
C ALA A 130 -1.32 17.09 26.13
N GLY A 131 -2.65 16.99 26.19
CA GLY A 131 -3.53 18.15 26.07
C GLY A 131 -3.52 18.61 24.62
N ASN A 132 -2.93 17.83 23.68
CA ASN A 132 -2.73 18.26 22.32
C ASN A 132 -2.97 17.03 21.43
N LEU A 133 -3.70 17.18 20.31
CA LEU A 133 -3.95 16.14 19.29
C LEU A 133 -2.73 15.93 18.40
N ARG A 134 -2.42 14.76 17.84
CA ARG A 134 -1.43 14.53 16.78
C ARG A 134 -1.29 15.55 15.63
N GLU A 135 -2.34 16.33 15.38
CA GLU A 135 -2.32 17.37 14.37
C GLU A 135 -1.70 18.67 14.88
N ASN A 136 -1.51 18.75 16.20
CA ASN A 136 -0.92 19.95 16.76
C ASN A 136 0.49 19.63 17.16
N ILE A 137 0.93 18.40 17.13
CA ILE A 137 2.26 18.01 17.55
C ILE A 137 3.07 17.85 16.27
N GLU A 138 4.21 18.53 16.15
CA GLU A 138 5.02 18.53 14.96
C GLU A 138 5.93 17.34 14.91
N LEU A 139 6.35 16.92 13.72
CA LEU A 139 7.16 15.77 13.43
C LEU A 139 8.30 16.30 12.61
N GLY A 140 9.44 15.61 12.55
CA GLY A 140 10.66 16.06 11.91
C GLY A 140 11.83 15.63 12.80
N ASN A 141 13.08 15.75 12.35
CA ASN A 141 14.27 15.26 13.07
C ASN A 141 14.45 16.02 14.38
N GLY A 142 14.26 17.32 14.29
CA GLY A 142 14.31 18.22 15.42
C GLY A 142 13.28 17.93 16.48
N PRO A 143 12.01 17.59 16.21
CA PRO A 143 11.13 16.92 17.18
C PRO A 143 11.55 15.59 17.82
N LEU A 144 12.15 14.65 17.07
CA LEU A 144 12.62 13.41 17.68
C LEU A 144 13.84 13.68 18.61
N GLU A 145 14.82 14.54 18.34
CA GLU A 145 15.93 14.91 19.26
C GLU A 145 15.46 15.37 20.64
N GLU A 146 14.49 16.28 20.58
CA GLU A 146 13.81 16.78 21.73
C GLU A 146 13.17 15.67 22.46
N ALA A 147 12.49 14.73 21.79
CA ALA A 147 11.76 13.65 22.41
C ALA A 147 12.70 12.67 23.01
N ILE A 148 13.86 12.47 22.41
CA ILE A 148 14.77 11.56 23.07
C ILE A 148 15.24 12.23 24.35
N SER A 149 15.45 13.54 24.37
CA SER A 149 15.87 14.19 25.59
C SER A 149 14.74 14.15 26.59
N ALA A 150 13.48 14.35 26.23
CA ALA A 150 12.42 14.29 27.21
C ALA A 150 12.26 12.92 27.80
N LEU A 151 12.43 11.91 26.96
CA LEU A 151 12.30 10.52 27.43
C LEU A 151 13.39 10.28 28.43
N TYR A 152 14.64 10.60 28.03
CA TYR A 152 15.82 10.43 28.89
C TYR A 152 15.58 11.14 30.19
N TYR A 153 15.14 12.40 30.29
CA TYR A 153 15.02 13.02 31.62
C TYR A 153 13.83 12.67 32.46
N TYR A 154 12.82 11.92 32.00
CA TYR A 154 11.81 11.36 32.86
C TYR A 154 12.57 10.42 33.79
N SER A 155 13.65 9.70 33.50
CA SER A 155 14.29 8.81 34.47
C SER A 155 14.86 9.51 35.72
N THR A 156 15.47 10.68 35.43
CA THR A 156 16.11 11.49 36.43
C THR A 156 14.91 12.13 37.09
N GLY A 157 14.36 13.27 36.68
CA GLY A 157 13.17 13.82 37.31
C GLY A 157 12.62 15.02 36.54
N GLY A 158 13.15 15.50 35.42
CA GLY A 158 12.55 16.60 34.67
C GLY A 158 11.06 16.32 34.58
N THR A 159 10.87 15.07 34.09
CA THR A 159 9.59 14.37 34.07
C THR A 159 8.63 15.30 33.36
N GLN A 160 7.51 15.71 33.92
CA GLN A 160 6.41 16.47 33.34
C GLN A 160 5.61 15.63 32.35
N LEU A 161 4.54 15.06 32.86
CA LEU A 161 3.62 14.21 32.06
C LEU A 161 3.10 14.70 30.67
N PRO A 162 2.54 15.88 30.39
CA PRO A 162 2.19 16.29 29.06
C PRO A 162 3.30 16.09 28.08
N THR A 163 4.54 16.38 28.47
CA THR A 163 5.68 16.40 27.57
C THR A 163 6.18 15.00 27.29
N LEU A 164 5.98 14.10 28.24
CA LEU A 164 6.41 12.74 28.07
C LEU A 164 5.46 12.23 27.01
N ALA A 165 4.12 12.30 27.22
CA ALA A 165 3.09 11.87 26.29
C ALA A 165 3.21 12.46 24.91
N ARG A 166 3.55 13.73 24.78
CA ARG A 166 3.87 14.36 23.49
C ARG A 166 5.13 13.74 22.92
N SER A 167 6.09 13.26 23.68
CA SER A 167 7.29 12.66 23.13
C SER A 167 6.96 11.27 22.68
N PHE A 168 6.15 10.56 23.41
CA PHE A 168 5.70 9.26 22.94
C PHE A 168 5.01 9.36 21.58
N ILE A 169 3.99 10.18 21.33
CA ILE A 169 3.33 10.39 20.04
C ILE A 169 4.36 10.68 18.94
N ILE A 170 5.44 11.43 19.22
CA ILE A 170 6.41 11.69 18.16
C ILE A 170 7.18 10.39 17.88
N CYS A 171 7.60 9.57 18.84
CA CYS A 171 8.40 8.41 18.57
C CYS A 171 7.68 7.31 17.84
N ILE A 172 6.45 7.05 18.24
CA ILE A 172 5.60 6.02 17.67
C ILE A 172 5.31 6.44 16.23
N GLN A 173 5.01 7.67 15.93
CA GLN A 173 4.75 8.02 14.59
C GLN A 173 5.97 7.97 13.74
N MET A 174 7.18 8.35 14.19
CA MET A 174 8.31 8.36 13.30
C MET A 174 9.05 7.04 13.19
N ILE A 175 8.72 6.02 14.00
CA ILE A 175 9.32 4.69 13.92
C ILE A 175 8.24 3.64 13.62
N SER A 176 7.20 3.35 14.45
CA SER A 176 6.18 2.36 14.25
C SER A 176 5.35 2.72 13.09
N GLU A 177 4.90 3.97 13.00
CA GLU A 177 4.01 4.25 11.91
C GLU A 177 4.70 4.31 10.58
N ALA A 178 5.99 4.59 10.59
CA ALA A 178 6.73 4.74 9.36
C ALA A 178 7.16 3.37 8.91
N ALA A 179 7.29 2.41 9.80
CA ALA A 179 7.59 1.04 9.45
C ALA A 179 6.36 0.39 8.82
N ARG A 180 5.18 0.65 9.36
CA ARG A 180 3.95 0.13 8.84
C ARG A 180 3.57 0.67 7.49
N PHE A 181 3.88 1.88 7.12
CA PHE A 181 3.42 2.41 5.87
C PHE A 181 4.54 3.14 5.15
N GLN A 182 4.78 2.83 3.90
CA GLN A 182 5.81 3.47 3.11
C GLN A 182 5.29 4.87 2.84
N TYR A 183 4.02 5.19 3.03
CA TYR A 183 3.55 6.54 2.84
C TYR A 183 4.08 7.36 4.01
N ILE A 184 3.94 6.92 5.26
CA ILE A 184 4.33 7.74 6.38
C ILE A 184 5.85 7.86 6.46
N GLU A 185 6.59 6.81 6.12
CA GLU A 185 8.04 6.87 6.03
C GLU A 185 8.57 7.99 5.12
N GLY A 186 8.00 8.10 3.93
CA GLY A 186 8.37 9.08 2.94
C GLY A 186 7.95 10.47 3.38
N GLU A 187 6.96 10.55 4.26
CA GLU A 187 6.47 11.81 4.79
C GLU A 187 7.48 12.45 5.78
N MET A 188 8.04 11.54 6.59
CA MET A 188 9.09 11.77 7.55
C MET A 188 10.40 12.09 6.79
N ARG A 189 10.78 11.37 5.74
CA ARG A 189 11.89 11.74 4.88
C ARG A 189 11.68 13.04 4.15
N THR A 190 10.49 13.55 3.91
CA THR A 190 10.36 14.86 3.34
C THR A 190 10.71 15.99 4.31
N ARG A 191 10.32 15.82 5.56
CA ARG A 191 10.68 16.66 6.69
C ARG A 191 12.19 16.67 6.93
N ILE A 192 12.91 15.53 7.11
CA ILE A 192 14.36 15.43 7.25
C ILE A 192 14.94 16.14 6.01
N ARG A 193 14.70 15.79 4.75
CA ARG A 193 15.34 16.45 3.62
C ARG A 193 15.31 17.98 3.62
N TYR A 194 14.30 18.65 4.18
CA TYR A 194 14.16 20.09 4.02
C TYR A 194 14.21 20.82 5.36
N ASN A 195 14.49 20.06 6.42
CA ASN A 195 14.49 20.51 7.78
C ASN A 195 13.16 21.19 8.10
N ARG A 196 12.06 20.38 7.95
CA ARG A 196 10.73 20.84 8.30
C ARG A 196 10.30 20.21 9.55
N ARG A 197 9.54 21.03 10.23
CA ARG A 197 8.87 20.67 11.44
C ARG A 197 7.45 20.96 10.92
N SER A 198 6.59 19.95 11.09
CA SER A 198 5.32 20.00 10.42
C SER A 198 4.41 19.08 11.19
N ALA A 199 3.17 19.47 11.46
CA ALA A 199 2.21 18.56 12.06
C ALA A 199 1.74 17.65 10.90
N PRO A 200 1.34 16.39 11.11
CA PRO A 200 0.95 15.53 10.05
C PRO A 200 -0.39 15.97 9.49
N ASP A 201 -0.48 15.68 8.22
CA ASP A 201 -1.62 16.06 7.38
C ASP A 201 -2.82 15.19 7.77
N PRO A 202 -4.11 15.45 7.44
CA PRO A 202 -5.19 14.47 7.59
C PRO A 202 -4.81 13.16 6.93
N SER A 203 -4.10 13.06 5.78
CA SER A 203 -3.80 11.77 5.16
C SER A 203 -3.18 10.80 6.08
N VAL A 204 -2.20 11.30 6.82
CA VAL A 204 -1.39 10.52 7.70
C VAL A 204 -2.25 10.07 8.83
N ILE A 205 -3.11 10.89 9.42
CA ILE A 205 -3.92 10.53 10.60
C ILE A 205 -4.84 9.31 10.29
N THR A 206 -5.57 9.41 9.17
CA THR A 206 -6.48 8.39 8.69
C THR A 206 -5.73 7.09 8.45
N LEU A 207 -4.59 7.00 7.78
CA LEU A 207 -3.89 5.73 7.57
C LEU A 207 -3.57 5.02 8.86
N GLU A 208 -3.25 5.81 9.88
CA GLU A 208 -2.81 5.30 11.15
C GLU A 208 -3.99 4.71 11.86
N ASN A 209 -5.12 5.37 11.78
CA ASN A 209 -6.33 4.88 12.47
C ASN A 209 -6.94 3.74 11.69
N SER A 210 -6.57 3.56 10.44
CA SER A 210 -7.06 2.47 9.64
C SER A 210 -6.12 1.29 9.58
N TRP A 211 -4.88 1.27 10.18
CA TRP A 211 -3.98 0.13 10.06
C TRP A 211 -4.63 -1.21 10.37
N GLY A 212 -5.16 -1.46 11.57
CA GLY A 212 -5.89 -2.70 11.85
C GLY A 212 -7.03 -2.95 10.85
N ARG A 213 -7.82 -1.92 10.45
CA ARG A 213 -8.93 -2.05 9.50
C ARG A 213 -8.47 -2.46 8.08
N LEU A 214 -7.36 -1.96 7.56
CA LEU A 214 -6.84 -2.33 6.27
C LEU A 214 -6.25 -3.70 6.38
N SER A 215 -5.62 -4.07 7.48
CA SER A 215 -5.09 -5.40 7.58
C SER A 215 -6.19 -6.48 7.47
N THR A 216 -7.37 -6.30 8.13
CA THR A 216 -8.53 -7.20 7.99
C THR A 216 -9.09 -7.15 6.56
N ALA A 217 -9.47 -5.99 6.06
CA ALA A 217 -9.95 -5.83 4.73
C ALA A 217 -9.10 -6.57 3.70
N ILE A 218 -7.75 -6.55 3.77
CA ILE A 218 -6.89 -7.20 2.76
C ILE A 218 -6.77 -8.70 2.98
N GLN A 219 -6.75 -9.10 4.22
CA GLN A 219 -6.68 -10.48 4.56
C GLN A 219 -8.01 -11.18 4.31
N GLU A 220 -9.21 -10.68 4.62
CA GLU A 220 -10.42 -11.38 4.28
C GLU A 220 -10.99 -10.68 3.05
N SER A 221 -10.31 -10.75 1.89
CA SER A 221 -10.69 -9.90 0.76
C SER A 221 -11.37 -10.53 -0.44
N ASN A 222 -10.87 -11.70 -0.80
CA ASN A 222 -11.33 -12.55 -1.91
C ASN A 222 -9.98 -12.69 -2.62
N GLN A 223 -9.96 -12.58 -3.91
CA GLN A 223 -8.81 -12.38 -4.75
C GLN A 223 -9.35 -11.06 -5.30
N GLY A 224 -8.54 -10.23 -5.98
CA GLY A 224 -9.02 -8.87 -6.19
C GLY A 224 -9.23 -8.38 -4.74
N ALA A 225 -10.46 -7.89 -4.42
CA ALA A 225 -10.69 -7.41 -3.08
C ALA A 225 -12.00 -6.83 -2.61
N PHE A 226 -12.26 -7.21 -1.38
CA PHE A 226 -13.16 -6.68 -0.38
C PHE A 226 -14.62 -6.37 -0.44
N ALA A 227 -15.07 -6.81 0.73
CA ALA A 227 -16.44 -6.68 1.15
C ALA A 227 -16.88 -5.31 1.62
N SER A 228 -16.04 -4.33 1.95
CA SER A 228 -16.56 -2.99 2.29
C SER A 228 -15.43 -2.01 2.00
N PRO A 229 -15.80 -0.82 1.56
CA PRO A 229 -14.87 0.20 1.21
C PRO A 229 -14.28 0.65 2.50
N ILE A 230 -13.01 1.01 2.56
CA ILE A 230 -12.39 1.63 3.75
C ILE A 230 -12.30 3.06 3.21
N GLN A 231 -12.69 4.05 3.99
CA GLN A 231 -12.71 5.41 3.49
C GLN A 231 -11.44 6.10 3.94
N LEU A 232 -10.80 6.99 3.22
CA LEU A 232 -9.50 7.49 3.61
C LEU A 232 -9.47 8.94 3.19
N GLN A 233 -8.41 9.62 3.59
CA GLN A 233 -8.23 11.00 3.33
C GLN A 233 -7.04 11.31 2.52
N ARG A 234 -7.25 12.36 1.79
CA ARG A 234 -6.20 13.00 1.03
C ARG A 234 -5.43 13.94 1.93
N ARG A 235 -4.24 14.35 1.50
CA ARG A 235 -3.42 15.37 2.13
C ARG A 235 -4.32 16.57 2.46
N ASN A 236 -5.17 16.99 1.54
CA ASN A 236 -6.10 18.10 1.84
C ASN A 236 -7.26 17.36 2.53
N GLY A 237 -8.12 17.62 3.53
CA GLY A 237 -9.03 16.59 4.11
C GLY A 237 -10.01 15.71 3.31
N SER A 238 -10.03 15.72 1.99
CA SER A 238 -10.94 14.96 1.13
C SER A 238 -11.15 13.45 1.23
N LYS A 239 -12.29 13.25 0.55
CA LYS A 239 -13.02 12.10 0.03
C LYS A 239 -12.59 10.68 0.15
N PHE A 240 -12.09 10.13 -0.94
CA PHE A 240 -12.08 8.73 -1.32
C PHE A 240 -12.25 7.46 -0.51
N SER A 241 -12.79 6.45 -1.21
CA SER A 241 -13.04 5.14 -0.66
C SER A 241 -12.21 4.11 -1.43
N VAL A 242 -11.67 3.11 -0.73
CA VAL A 242 -10.91 2.05 -1.35
C VAL A 242 -11.69 0.72 -1.35
N TYR A 243 -11.82 0.07 -2.50
CA TYR A 243 -12.55 -1.18 -2.58
C TYR A 243 -11.55 -2.21 -2.94
N ASP A 244 -10.35 -1.92 -3.36
CA ASP A 244 -9.46 -2.99 -3.78
C ASP A 244 -8.09 -2.88 -3.13
N VAL A 245 -7.32 -3.97 -3.08
CA VAL A 245 -5.92 -3.96 -2.72
C VAL A 245 -4.99 -3.24 -3.71
N SER A 246 -5.09 -2.93 -5.00
CA SER A 246 -3.92 -2.48 -5.77
C SER A 246 -3.28 -1.10 -5.51
N ILE A 247 -4.11 -0.26 -4.90
CA ILE A 247 -3.71 1.10 -4.59
C ILE A 247 -2.98 1.02 -3.26
N LEU A 248 -3.25 -0.01 -2.48
CA LEU A 248 -2.71 -0.12 -1.17
C LEU A 248 -1.37 -0.75 -1.23
N ILE A 249 -1.01 -1.52 -2.24
CA ILE A 249 0.29 -2.17 -2.30
C ILE A 249 1.54 -1.24 -2.16
N PRO A 250 1.69 -0.04 -2.75
CA PRO A 250 2.82 0.85 -2.45
C PRO A 250 2.72 1.72 -1.20
N ILE A 251 1.77 1.51 -0.29
CA ILE A 251 1.39 2.39 0.81
C ILE A 251 1.36 1.61 2.12
N ILE A 252 1.12 0.29 2.23
CA ILE A 252 1.16 -0.49 3.48
C ILE A 252 2.42 -1.36 3.31
N ALA A 253 3.26 -1.41 4.34
CA ALA A 253 4.49 -2.13 4.28
C ALA A 253 4.35 -3.33 5.14
N LEU A 254 3.53 -3.28 6.20
CA LEU A 254 3.35 -4.38 7.13
C LEU A 254 1.89 -4.43 7.51
N MET A 255 1.36 -5.64 7.78
CA MET A 255 -0.01 -5.86 8.26
C MET A 255 -0.01 -6.69 9.51
N VAL A 256 -0.92 -6.44 10.46
CA VAL A 256 -1.00 -7.30 11.65
C VAL A 256 -1.67 -8.62 11.29
N TYR A 257 -1.43 -9.79 11.84
CA TYR A 257 -2.12 -11.02 11.46
C TYR A 257 -3.53 -11.00 11.96
N ARG A 258 -4.45 -11.27 11.03
CA ARG A 258 -5.88 -11.41 11.36
C ARG A 258 -6.39 -12.87 11.27
N CYS A 259 -6.03 -13.63 10.25
CA CYS A 259 -6.56 -14.93 10.02
C CYS A 259 -5.55 -15.75 9.26
N ALA A 260 -5.48 -17.10 9.30
CA ALA A 260 -4.45 -17.84 8.54
C ALA A 260 -4.89 -17.82 7.09
N PRO A 261 -3.98 -17.97 6.09
CA PRO A 261 -4.31 -18.28 4.68
C PRO A 261 -5.15 -19.54 4.45
N PRO A 262 -5.75 -19.80 3.30
CA PRO A 262 -6.47 -21.04 3.06
C PRO A 262 -5.43 -22.08 2.73
N PRO A 263 -5.34 -23.17 3.46
CA PRO A 263 -4.13 -23.62 4.15
C PRO A 263 -2.88 -22.75 4.20
N SER A 264 -1.82 -23.19 4.89
CA SER A 264 -0.55 -22.47 4.90
C SER A 264 -0.11 -22.44 3.42
N SER A 265 -0.53 -21.44 2.62
CA SER A 265 0.11 -21.38 1.30
C SER A 265 0.03 -20.03 0.58
N GLN A 266 -1.19 -19.47 0.50
CA GLN A 266 -1.56 -18.28 -0.32
C GLN A 266 -0.91 -16.85 -0.34
N PHE A 267 -1.16 -16.24 -1.54
CA PHE A 267 -1.02 -14.82 -1.89
C PHE A 267 0.36 -14.30 -2.09
N ALA B 1 -7.34 -15.28 14.10
CA ALA B 1 -8.54 -16.09 14.46
C ALA B 1 -9.02 -16.80 13.19
N ASP B 2 -9.31 -18.13 13.17
CA ASP B 2 -9.93 -18.81 12.02
C ASP B 2 -9.06 -18.81 10.75
N VAL B 3 -9.37 -19.67 9.75
CA VAL B 3 -8.75 -19.51 8.44
C VAL B 3 -9.60 -18.34 7.89
N CYS B 4 -9.01 -17.57 7.01
CA CYS B 4 -9.59 -16.32 6.54
C CYS B 4 -10.82 -16.68 5.76
N MET B 5 -11.94 -16.38 6.40
CA MET B 5 -13.28 -16.46 5.86
C MET B 5 -13.43 -15.59 4.61
N ASP B 6 -13.13 -15.93 3.34
CA ASP B 6 -13.28 -14.97 2.23
C ASP B 6 -14.70 -14.68 1.69
N PRO B 7 -15.03 -13.50 1.11
CA PRO B 7 -16.39 -13.14 0.81
C PRO B 7 -16.75 -13.27 -0.66
N GLU B 8 -17.86 -12.56 -0.97
CA GLU B 8 -18.37 -12.50 -2.31
C GLU B 8 -18.89 -11.10 -2.52
N PRO B 9 -18.03 -10.09 -2.75
CA PRO B 9 -18.49 -8.70 -2.95
C PRO B 9 -19.24 -8.38 -4.29
N ILE B 10 -20.26 -7.49 -4.24
CA ILE B 10 -21.03 -7.03 -5.38
C ILE B 10 -20.24 -5.80 -5.74
N VAL B 11 -19.49 -5.76 -6.82
CA VAL B 11 -18.62 -4.65 -7.21
C VAL B 11 -18.81 -4.38 -8.72
N ARG B 12 -18.45 -3.23 -9.25
CA ARG B 12 -18.39 -2.94 -10.67
C ARG B 12 -17.05 -3.47 -11.21
N ILE B 13 -16.80 -3.75 -12.48
CA ILE B 13 -15.48 -4.09 -12.93
C ILE B 13 -15.24 -3.01 -13.95
N VAL B 14 -14.17 -2.22 -13.73
CA VAL B 14 -13.81 -1.09 -14.56
C VAL B 14 -12.55 -1.51 -15.33
N GLY B 15 -12.30 -1.02 -16.52
CA GLY B 15 -11.21 -1.53 -17.31
C GLY B 15 -10.89 -0.55 -18.34
N ARG B 16 -10.58 -0.89 -19.58
CA ARG B 16 -10.06 0.02 -20.61
C ARG B 16 -10.83 1.33 -20.78
N ASN B 17 -9.99 2.35 -20.78
CA ASN B 17 -10.29 3.76 -20.75
C ASN B 17 -11.25 4.09 -19.64
N GLY B 18 -11.47 3.31 -18.61
CA GLY B 18 -12.39 3.76 -17.58
C GLY B 18 -13.82 3.25 -17.67
N LEU B 19 -14.09 2.45 -18.70
CA LEU B 19 -15.38 1.89 -18.96
C LEU B 19 -15.58 0.62 -18.16
N CYS B 20 -16.82 0.37 -17.73
CA CYS B 20 -17.23 -0.76 -16.91
C CYS B 20 -17.70 -1.91 -17.79
N VAL B 21 -17.52 -3.14 -17.27
CA VAL B 21 -17.89 -4.38 -17.89
C VAL B 21 -19.43 -4.40 -17.79
N ASP B 22 -20.15 -4.65 -18.90
CA ASP B 22 -21.59 -4.41 -18.97
C ASP B 22 -22.44 -5.52 -19.60
N VAL B 23 -23.64 -5.95 -19.26
CA VAL B 23 -24.36 -6.99 -20.00
C VAL B 23 -25.26 -6.26 -20.97
N ARG B 24 -24.97 -6.40 -22.27
CA ARG B 24 -25.59 -5.65 -23.34
C ARG B 24 -27.09 -5.37 -23.31
N ASP B 25 -27.53 -4.18 -23.60
CA ASP B 25 -28.90 -3.75 -23.52
C ASP B 25 -29.61 -4.17 -22.24
N GLY B 26 -28.95 -4.65 -21.18
CA GLY B 26 -29.61 -5.00 -19.92
C GLY B 26 -30.29 -6.35 -20.03
N ARG B 27 -29.90 -7.24 -20.96
CA ARG B 27 -30.59 -8.51 -21.10
C ARG B 27 -29.78 -9.76 -20.89
N PHE B 28 -30.38 -10.68 -20.15
CA PHE B 28 -29.75 -11.86 -19.59
C PHE B 28 -29.94 -13.19 -20.27
N HIS B 29 -30.43 -13.13 -21.50
CA HIS B 29 -30.79 -14.36 -22.19
C HIS B 29 -29.50 -15.05 -22.47
N ASN B 30 -29.40 -16.35 -22.32
CA ASN B 30 -28.21 -17.10 -22.67
C ASN B 30 -27.64 -16.73 -24.00
N GLY B 31 -26.37 -16.31 -23.98
CA GLY B 31 -25.65 -15.88 -25.16
C GLY B 31 -25.48 -14.38 -25.29
N ASN B 32 -26.17 -13.53 -24.51
CA ASN B 32 -26.04 -12.08 -24.68
C ASN B 32 -24.60 -11.65 -24.43
N ALA B 33 -24.15 -10.64 -25.17
CA ALA B 33 -22.78 -10.12 -25.13
C ALA B 33 -22.45 -9.28 -23.91
N ILE B 34 -21.32 -9.59 -23.28
CA ILE B 34 -20.81 -8.71 -22.25
C ILE B 34 -20.01 -7.69 -23.13
N GLN B 35 -20.10 -6.43 -22.79
CA GLN B 35 -19.43 -5.38 -23.51
C GLN B 35 -18.84 -4.33 -22.57
N LEU B 36 -18.10 -3.37 -23.14
CA LEU B 36 -17.51 -2.21 -22.48
C LEU B 36 -18.48 -1.08 -22.60
N TRP B 37 -18.81 -0.35 -21.58
CA TRP B 37 -19.78 0.71 -21.68
C TRP B 37 -19.39 1.69 -20.57
N PRO B 38 -19.61 3.01 -20.75
CA PRO B 38 -19.70 4.01 -19.68
C PRO B 38 -20.29 3.48 -18.40
N CYS B 39 -19.62 3.88 -17.34
CA CYS B 39 -20.01 3.47 -16.02
C CYS B 39 -21.19 4.27 -15.57
N LYS B 40 -22.07 3.54 -14.89
CA LYS B 40 -23.33 4.05 -14.43
C LYS B 40 -23.36 4.32 -12.97
N SER B 41 -24.03 5.45 -12.71
CA SER B 41 -24.43 5.81 -11.35
C SER B 41 -25.91 5.43 -11.33
N ASN B 42 -26.01 4.40 -10.48
CA ASN B 42 -27.23 3.81 -10.01
C ASN B 42 -26.94 2.35 -9.71
N THR B 43 -28.01 1.54 -9.68
CA THR B 43 -27.87 0.16 -9.33
C THR B 43 -28.50 -0.78 -10.37
N ASP B 44 -28.18 -0.66 -11.70
CA ASP B 44 -28.70 -1.60 -12.69
C ASP B 44 -27.88 -2.85 -12.75
N ALA B 45 -28.46 -3.97 -12.41
CA ALA B 45 -27.77 -5.23 -12.31
C ALA B 45 -26.78 -5.56 -13.39
N ASN B 46 -27.02 -5.04 -14.57
CA ASN B 46 -26.17 -5.42 -15.68
C ASN B 46 -24.78 -4.85 -15.61
N GLN B 47 -24.43 -3.96 -14.65
CA GLN B 47 -23.08 -3.47 -14.52
C GLN B 47 -22.48 -3.84 -13.20
N LEU B 48 -23.18 -4.58 -12.35
CA LEU B 48 -22.69 -5.01 -11.04
C LEU B 48 -22.43 -6.51 -11.05
N TRP B 49 -21.29 -6.94 -10.50
CA TRP B 49 -20.84 -8.29 -10.57
C TRP B 49 -20.41 -8.80 -9.20
N THR B 50 -20.90 -9.99 -8.85
CA THR B 50 -20.66 -10.73 -7.61
C THR B 50 -19.52 -11.72 -7.80
N LEU B 51 -18.43 -11.55 -7.02
CA LEU B 51 -17.27 -12.40 -7.18
C LEU B 51 -17.59 -13.49 -6.20
N LYS B 52 -17.98 -14.70 -6.66
CA LYS B 52 -18.39 -15.84 -5.84
C LYS B 52 -17.29 -16.75 -5.29
N ARG B 53 -17.44 -17.38 -4.11
CA ARG B 53 -16.42 -18.24 -3.56
C ARG B 53 -15.89 -19.30 -4.49
N ASP B 54 -16.74 -19.67 -5.49
CA ASP B 54 -16.45 -20.77 -6.45
C ASP B 54 -15.79 -20.31 -7.74
N ASN B 55 -15.43 -19.02 -7.76
CA ASN B 55 -14.72 -18.37 -8.85
C ASN B 55 -15.50 -18.02 -10.12
N THR B 56 -16.80 -17.73 -9.99
CA THR B 56 -17.57 -17.31 -11.14
C THR B 56 -17.92 -15.88 -10.90
N ILE B 57 -18.13 -15.07 -11.94
CA ILE B 57 -18.46 -13.68 -11.78
C ILE B 57 -19.88 -13.57 -12.28
N ARG B 58 -20.80 -13.10 -11.42
CA ARG B 58 -22.23 -13.12 -11.70
C ARG B 58 -23.00 -11.81 -11.70
N SER B 59 -23.44 -11.37 -12.88
CA SER B 59 -24.41 -10.29 -12.96
C SER B 59 -25.82 -10.97 -12.94
N ASN B 60 -26.61 -10.53 -11.97
CA ASN B 60 -28.00 -10.95 -11.73
C ASN B 60 -28.35 -12.47 -11.78
N GLY B 61 -27.54 -13.39 -11.25
CA GLY B 61 -27.84 -14.81 -11.28
C GLY B 61 -27.10 -15.56 -12.39
N LYS B 62 -26.60 -14.83 -13.37
CA LYS B 62 -25.92 -15.50 -14.46
C LYS B 62 -24.45 -15.13 -14.42
N CYS B 63 -23.66 -16.09 -14.88
CA CYS B 63 -22.21 -16.11 -14.95
C CYS B 63 -21.59 -15.49 -16.20
N LEU B 64 -20.42 -14.86 -16.10
CA LEU B 64 -19.63 -14.41 -17.25
C LEU B 64 -18.93 -15.68 -17.71
N THR B 65 -19.15 -16.02 -18.98
CA THR B 65 -18.81 -17.31 -19.58
C THR B 65 -18.00 -17.06 -20.84
N THR B 66 -16.90 -17.69 -21.17
CA THR B 66 -16.28 -17.53 -22.48
C THR B 66 -16.95 -18.44 -23.55
N TYR B 67 -17.14 -18.01 -24.79
CA TYR B 67 -17.71 -18.77 -25.85
C TYR B 67 -16.86 -20.01 -25.98
N GLY B 68 -15.55 -19.98 -26.20
CA GLY B 68 -14.70 -21.20 -26.25
C GLY B 68 -13.26 -20.95 -25.76
N TYR B 69 -12.29 -21.84 -25.79
CA TYR B 69 -10.91 -21.61 -25.31
C TYR B 69 -9.95 -21.26 -26.44
N SER B 70 -10.25 -20.22 -27.23
CA SER B 70 -9.45 -19.80 -28.36
C SER B 70 -9.23 -18.30 -28.34
N PRO B 71 -8.04 -17.67 -28.60
CA PRO B 71 -7.90 -16.24 -28.91
C PRO B 71 -9.01 -15.72 -29.80
N GLY B 72 -9.81 -14.76 -29.39
CA GLY B 72 -10.79 -14.25 -30.35
C GLY B 72 -12.22 -14.50 -29.97
N VAL B 73 -12.59 -15.47 -29.17
CA VAL B 73 -14.01 -15.71 -28.97
C VAL B 73 -14.59 -14.67 -28.04
N TYR B 74 -15.86 -14.27 -28.12
CA TYR B 74 -16.48 -13.29 -27.25
C TYR B 74 -16.91 -13.84 -25.91
N VAL B 75 -17.28 -12.96 -24.97
CA VAL B 75 -17.65 -13.36 -23.61
C VAL B 75 -19.09 -12.93 -23.63
N MET B 76 -19.89 -13.72 -22.96
CA MET B 76 -21.34 -13.63 -23.07
C MET B 76 -21.94 -13.90 -21.71
N ILE B 77 -23.20 -13.61 -21.42
CA ILE B 77 -23.79 -13.95 -20.12
C ILE B 77 -24.43 -15.32 -20.32
N TYR B 78 -24.57 -16.14 -19.29
CA TYR B 78 -25.05 -17.49 -19.44
C TYR B 78 -25.45 -18.01 -18.09
N ASP B 79 -26.54 -18.76 -17.99
CA ASP B 79 -26.99 -19.40 -16.76
C ASP B 79 -25.88 -20.37 -16.35
N CYS B 80 -25.39 -20.26 -15.13
CA CYS B 80 -24.25 -20.98 -14.65
C CYS B 80 -24.37 -22.47 -14.64
N ASN B 81 -25.62 -22.97 -14.65
CA ASN B 81 -25.84 -24.43 -14.55
C ASN B 81 -25.71 -25.13 -15.88
N THR B 82 -26.27 -24.45 -16.89
CA THR B 82 -26.34 -24.91 -18.27
C THR B 82 -24.97 -24.83 -18.93
N ALA B 83 -24.19 -23.84 -18.46
CA ALA B 83 -22.88 -23.56 -18.98
C ALA B 83 -21.75 -24.44 -18.50
N ALA B 84 -20.96 -24.80 -19.50
CA ALA B 84 -19.79 -25.62 -19.32
C ALA B 84 -18.93 -25.12 -18.15
N THR B 85 -19.04 -25.84 -17.04
CA THR B 85 -18.36 -25.60 -15.78
C THR B 85 -17.04 -24.85 -15.92
N ASP B 86 -15.94 -25.30 -16.51
CA ASP B 86 -14.80 -24.41 -16.43
C ASP B 86 -14.61 -23.44 -17.60
N ALA B 87 -15.68 -22.78 -17.92
CA ALA B 87 -15.73 -21.71 -18.93
C ALA B 87 -16.51 -20.62 -18.25
N THR B 88 -17.12 -20.96 -17.11
CA THR B 88 -17.71 -19.94 -16.27
C THR B 88 -16.72 -19.51 -15.19
N ARG B 89 -15.52 -20.15 -15.13
CA ARG B 89 -14.51 -19.97 -14.08
C ARG B 89 -13.47 -18.92 -14.45
N TRP B 90 -13.16 -17.98 -13.52
CA TRP B 90 -12.16 -16.95 -13.73
C TRP B 90 -11.48 -16.60 -12.39
N GLN B 91 -10.16 -16.27 -12.45
CA GLN B 91 -9.32 -15.80 -11.34
C GLN B 91 -9.00 -14.33 -11.52
N ILE B 92 -9.07 -13.44 -10.55
CA ILE B 92 -8.77 -12.00 -10.70
C ILE B 92 -7.42 -11.74 -10.05
N TRP B 93 -6.35 -11.38 -10.75
CA TRP B 93 -5.02 -11.20 -10.20
C TRP B 93 -4.70 -9.80 -9.74
N ASP B 94 -3.91 -9.71 -8.66
CA ASP B 94 -3.38 -8.43 -8.08
C ASP B 94 -2.80 -7.50 -9.09
N ASN B 95 -2.26 -8.02 -10.19
CA ASN B 95 -1.76 -7.20 -11.29
C ASN B 95 -2.78 -6.92 -12.40
N GLY B 96 -4.07 -6.99 -12.10
CA GLY B 96 -5.14 -6.59 -13.00
C GLY B 96 -5.53 -7.56 -14.14
N THR B 97 -5.41 -8.86 -13.97
CA THR B 97 -5.70 -9.72 -15.08
C THR B 97 -6.80 -10.60 -14.58
N ILE B 98 -7.80 -10.82 -15.42
CA ILE B 98 -8.83 -11.81 -15.14
C ILE B 98 -8.52 -12.93 -16.16
N ILE B 99 -8.09 -14.05 -15.66
CA ILE B 99 -7.77 -15.14 -16.52
C ILE B 99 -8.82 -16.20 -16.27
N ASN B 100 -8.86 -17.01 -17.30
CA ASN B 100 -9.67 -18.19 -17.42
C ASN B 100 -8.61 -19.29 -17.50
N PRO B 101 -8.33 -20.07 -16.45
CA PRO B 101 -7.21 -21.00 -16.47
C PRO B 101 -7.25 -22.05 -17.58
N ARG B 102 -7.06 -21.75 -18.89
CA ARG B 102 -6.98 -22.71 -20.08
C ARG B 102 -6.13 -21.88 -21.07
N SER B 103 -4.84 -22.12 -20.72
CA SER B 103 -3.59 -21.42 -21.08
C SER B 103 -3.79 -20.09 -20.35
N SER B 104 -3.43 -18.96 -20.94
CA SER B 104 -3.59 -17.66 -20.33
C SER B 104 -4.14 -16.92 -21.50
N LEU B 105 -5.49 -17.21 -21.53
CA LEU B 105 -6.51 -16.47 -22.29
C LEU B 105 -7.32 -15.70 -21.25
N VAL B 106 -7.13 -14.44 -21.51
CA VAL B 106 -7.40 -13.38 -20.58
C VAL B 106 -8.60 -12.53 -20.94
N LEU B 107 -9.43 -12.04 -20.01
CA LEU B 107 -10.49 -11.13 -20.37
C LEU B 107 -9.85 -9.91 -21.01
N ALA B 108 -10.33 -9.51 -22.17
CA ALA B 108 -9.78 -8.36 -22.86
C ALA B 108 -10.81 -7.49 -23.56
N ALA B 109 -10.41 -6.28 -23.93
CA ALA B 109 -11.27 -5.43 -24.68
C ALA B 109 -10.49 -5.06 -25.90
N THR B 110 -10.66 -5.50 -27.15
CA THR B 110 -9.73 -5.07 -28.15
C THR B 110 -10.02 -3.73 -28.79
N SER B 111 -11.07 -2.96 -28.52
CA SER B 111 -11.14 -1.55 -28.92
C SER B 111 -11.62 -0.86 -27.64
N GLY B 112 -11.29 0.40 -27.36
CA GLY B 112 -11.75 0.97 -26.09
C GLY B 112 -12.89 1.92 -26.25
N ASN B 113 -13.51 1.71 -27.42
CA ASN B 113 -14.73 2.30 -27.95
C ASN B 113 -15.94 1.91 -27.11
N SER B 114 -16.89 2.78 -26.80
CA SER B 114 -18.08 2.41 -26.07
C SER B 114 -18.84 1.33 -26.84
N GLY B 115 -19.35 0.28 -26.20
CA GLY B 115 -20.09 -0.79 -26.82
C GLY B 115 -19.24 -1.95 -27.36
N THR B 116 -17.92 -1.99 -27.24
CA THR B 116 -17.14 -3.10 -27.73
C THR B 116 -17.46 -4.39 -27.00
N THR B 117 -17.67 -5.53 -27.72
CA THR B 117 -17.84 -6.81 -27.08
C THR B 117 -16.54 -7.42 -26.56
N LEU B 118 -16.57 -7.90 -25.33
CA LEU B 118 -15.39 -8.43 -24.69
C LEU B 118 -14.94 -9.75 -25.26
N THR B 119 -13.70 -10.00 -25.57
CA THR B 119 -13.23 -11.26 -26.10
C THR B 119 -12.24 -11.91 -25.12
N VAL B 120 -11.65 -13.08 -25.28
CA VAL B 120 -10.61 -13.53 -24.38
C VAL B 120 -9.44 -13.56 -25.35
N GLN B 121 -8.23 -13.16 -24.98
CA GLN B 121 -7.10 -13.15 -25.89
C GLN B 121 -5.85 -13.72 -25.20
N THR B 122 -4.76 -14.09 -25.86
CA THR B 122 -3.51 -14.49 -25.18
C THR B 122 -2.95 -13.31 -24.41
N ASN B 123 -2.40 -13.65 -23.24
CA ASN B 123 -1.83 -12.69 -22.28
C ASN B 123 -0.53 -11.95 -22.60
N ILE B 124 -0.60 -10.77 -23.15
CA ILE B 124 0.57 -9.97 -23.38
C ILE B 124 0.55 -8.82 -22.33
N TYR B 125 -0.16 -8.92 -21.20
CA TYR B 125 -0.26 -7.87 -20.19
C TYR B 125 -0.53 -6.45 -20.75
N ALA B 126 -1.47 -6.22 -21.67
CA ALA B 126 -1.72 -4.91 -22.28
C ALA B 126 -2.78 -4.15 -21.53
N VAL B 127 -2.98 -2.86 -21.83
CA VAL B 127 -3.96 -1.97 -21.16
C VAL B 127 -5.34 -2.52 -21.47
N SER B 128 -5.58 -3.12 -22.65
CA SER B 128 -6.87 -3.69 -22.97
C SER B 128 -7.11 -4.96 -22.22
N GLN B 129 -6.19 -5.41 -21.34
CA GLN B 129 -6.37 -6.61 -20.52
C GLN B 129 -6.20 -6.30 -19.04
N GLY B 130 -6.27 -5.04 -18.57
CA GLY B 130 -6.19 -4.71 -17.14
C GLY B 130 -7.58 -4.29 -16.71
N TRP B 131 -8.00 -4.87 -15.59
CA TRP B 131 -9.35 -4.72 -15.03
C TRP B 131 -9.21 -4.45 -13.53
N LEU B 132 -10.17 -3.75 -12.95
CA LEU B 132 -10.20 -3.49 -11.52
C LEU B 132 -11.66 -3.64 -11.09
N PRO B 133 -11.96 -4.58 -10.17
CA PRO B 133 -13.16 -4.66 -9.37
C PRO B 133 -13.17 -3.59 -8.30
N THR B 134 -14.08 -2.67 -8.45
CA THR B 134 -14.19 -1.51 -7.64
C THR B 134 -15.53 -0.88 -7.94
N ASN B 135 -16.18 -0.24 -6.98
CA ASN B 135 -17.36 0.56 -7.27
C ASN B 135 -16.94 1.99 -7.48
N ASN B 136 -15.62 2.24 -7.56
CA ASN B 136 -15.07 3.58 -7.75
C ASN B 136 -14.69 3.73 -9.17
N THR B 137 -15.56 4.40 -9.84
CA THR B 137 -15.43 4.64 -11.28
C THR B 137 -14.46 5.72 -11.80
N GLN B 138 -13.96 6.59 -10.90
CA GLN B 138 -13.03 7.64 -11.31
C GLN B 138 -11.61 7.14 -11.02
N PRO B 139 -10.54 7.37 -11.82
CA PRO B 139 -9.17 6.98 -11.54
C PRO B 139 -8.66 7.80 -10.39
N PHE B 140 -7.50 7.33 -9.88
CA PHE B 140 -6.87 7.94 -8.72
C PHE B 140 -5.88 8.97 -9.23
N VAL B 141 -6.08 10.27 -8.90
CA VAL B 141 -5.17 11.38 -9.29
C VAL B 141 -4.16 11.52 -8.13
N THR B 142 -2.84 11.29 -8.36
CA THR B 142 -1.75 11.34 -7.39
C THR B 142 -0.61 12.20 -7.95
N THR B 143 0.37 12.50 -7.09
CA THR B 143 1.63 13.10 -7.47
C THR B 143 2.55 11.91 -7.21
N ILE B 144 3.54 11.68 -8.08
CA ILE B 144 4.51 10.62 -7.90
C ILE B 144 5.87 11.29 -7.63
N VAL B 145 6.38 11.09 -6.42
CA VAL B 145 7.60 11.67 -5.94
C VAL B 145 8.66 10.57 -6.04
N GLY B 146 9.85 10.83 -6.60
CA GLY B 146 10.88 9.83 -6.80
C GLY B 146 12.26 10.34 -6.42
N LEU B 147 13.29 10.14 -7.21
CA LEU B 147 14.63 10.46 -6.75
C LEU B 147 14.82 11.89 -6.24
N TYR B 148 15.52 12.03 -5.09
CA TYR B 148 15.84 13.28 -4.43
C TYR B 148 14.62 14.15 -4.15
N GLY B 149 13.48 13.49 -3.98
CA GLY B 149 12.25 14.16 -3.64
C GLY B 149 11.63 14.91 -4.79
N LEU B 150 12.09 14.65 -6.00
CA LEU B 150 11.66 15.24 -7.25
C LEU B 150 10.40 14.61 -7.84
N CYS B 151 9.53 15.37 -8.49
CA CYS B 151 8.28 14.88 -8.99
C CYS B 151 8.31 14.47 -10.42
N LEU B 152 7.54 13.46 -10.81
CA LEU B 152 7.40 13.11 -12.22
C LEU B 152 6.45 14.12 -12.92
N GLN B 153 6.93 14.63 -14.04
CA GLN B 153 6.30 15.69 -14.77
C GLN B 153 6.34 15.43 -16.28
N ALA B 154 5.22 15.73 -16.95
CA ALA B 154 5.02 15.44 -18.37
C ALA B 154 4.91 16.77 -19.04
N ASN B 155 5.51 17.08 -20.16
CA ASN B 155 5.18 18.38 -20.74
C ASN B 155 5.15 18.17 -22.23
N SER B 156 3.87 17.93 -22.53
CA SER B 156 3.39 17.29 -23.73
C SER B 156 4.16 16.00 -23.99
N GLY B 157 4.77 15.72 -25.12
CA GLY B 157 5.28 14.40 -25.39
C GLY B 157 6.34 13.84 -24.48
N GLN B 158 6.90 14.47 -23.47
CA GLN B 158 7.97 13.78 -22.77
C GLN B 158 7.53 13.83 -21.36
N VAL B 159 8.28 13.07 -20.61
CA VAL B 159 8.08 12.99 -19.19
C VAL B 159 9.51 13.03 -18.65
N TRP B 160 9.75 13.79 -17.59
CA TRP B 160 11.01 13.69 -16.87
C TRP B 160 10.83 13.98 -15.38
N ILE B 161 11.83 13.93 -14.50
CA ILE B 161 11.58 14.28 -13.09
C ILE B 161 12.05 15.70 -12.77
N GLU B 162 11.29 16.54 -12.07
CA GLU B 162 11.64 17.94 -11.84
C GLU B 162 11.17 18.31 -10.44
N ASP B 163 11.29 19.51 -9.89
CA ASP B 163 10.86 19.67 -8.51
C ASP B 163 9.40 20.05 -8.42
N CYS B 164 8.88 19.55 -7.32
CA CYS B 164 7.50 19.68 -7.08
C CYS B 164 7.01 21.06 -6.80
N SER B 165 6.62 21.82 -7.80
CA SER B 165 5.97 23.09 -7.52
C SER B 165 4.54 22.52 -7.49
N SER B 166 3.98 22.26 -6.32
CA SER B 166 2.63 21.75 -6.07
C SER B 166 1.40 22.32 -6.80
N GLU B 167 1.61 23.09 -7.90
CA GLU B 167 0.64 23.70 -8.87
C GLU B 167 1.16 23.54 -10.35
N LYS B 168 2.23 22.83 -10.67
CA LYS B 168 2.97 23.28 -11.88
C LYS B 168 2.48 22.82 -13.26
N ALA B 169 3.16 22.97 -14.44
CA ALA B 169 2.70 22.37 -15.71
C ALA B 169 2.84 20.93 -15.26
N GLU B 170 1.67 20.36 -15.32
CA GLU B 170 1.45 19.29 -14.45
C GLU B 170 2.29 18.07 -14.50
N GLN B 171 2.22 17.85 -13.19
CA GLN B 171 2.80 16.74 -12.54
C GLN B 171 1.76 16.07 -11.66
N GLN B 172 0.45 16.15 -11.92
CA GLN B 172 -0.54 15.35 -11.21
C GLN B 172 -0.88 14.32 -12.28
N TRP B 173 -1.07 13.05 -11.92
CA TRP B 173 -1.31 11.95 -12.82
C TRP B 173 -2.62 11.22 -12.50
N ALA B 174 -3.33 10.69 -13.50
CA ALA B 174 -4.49 9.82 -13.24
C ALA B 174 -4.10 8.35 -13.48
N LEU B 175 -4.34 7.53 -12.50
CA LEU B 175 -3.91 6.15 -12.55
C LEU B 175 -5.19 5.37 -12.79
N TYR B 176 -5.29 4.87 -14.00
CA TYR B 176 -6.48 4.15 -14.44
C TYR B 176 -6.68 2.68 -14.08
N ALA B 177 -7.96 2.21 -14.07
CA ALA B 177 -8.26 0.81 -13.78
C ALA B 177 -7.74 -0.17 -14.82
N ASP B 178 -7.47 0.28 -16.02
CA ASP B 178 -6.80 -0.59 -16.94
C ASP B 178 -5.27 -0.75 -16.74
N GLY B 179 -4.61 -0.03 -15.81
CA GLY B 179 -3.19 -0.19 -15.59
C GLY B 179 -2.37 0.91 -16.23
N SER B 180 -2.96 1.93 -16.87
CA SER B 180 -2.24 3.04 -17.47
C SER B 180 -2.08 4.22 -16.52
N ILE B 181 -1.04 5.02 -16.78
CA ILE B 181 -0.73 6.23 -16.02
C ILE B 181 -0.76 7.32 -17.07
N ARG B 182 -1.74 8.19 -16.87
CA ARG B 182 -2.15 9.19 -17.84
C ARG B 182 -1.92 10.58 -17.29
N PRO B 183 -1.50 11.57 -18.10
CA PRO B 183 -1.25 12.89 -17.59
C PRO B 183 -2.54 13.57 -17.36
N GLN B 184 -2.93 13.70 -16.13
CA GLN B 184 -4.12 14.41 -15.78
C GLN B 184 -4.71 15.55 -16.58
N GLN B 185 -4.03 16.28 -17.45
CA GLN B 185 -4.74 17.37 -18.09
C GLN B 185 -5.10 16.75 -19.42
N ASN B 186 -4.22 15.95 -20.07
CA ASN B 186 -4.63 15.23 -21.27
C ASN B 186 -4.86 13.74 -20.89
N ARG B 187 -6.06 13.37 -20.45
CA ARG B 187 -6.38 11.97 -20.08
C ARG B 187 -6.54 10.91 -21.19
N ASP B 188 -6.38 11.20 -22.48
CA ASP B 188 -6.37 10.11 -23.44
C ASP B 188 -4.97 9.96 -23.98
N ASN B 189 -4.01 10.37 -23.14
CA ASN B 189 -2.59 10.27 -23.44
C ASN B 189 -2.05 9.37 -22.35
N CYS B 190 -1.05 8.51 -22.67
CA CYS B 190 -0.61 7.47 -21.74
C CYS B 190 0.90 7.48 -21.46
N LEU B 191 1.38 7.00 -20.31
CA LEU B 191 2.80 6.85 -20.08
C LEU B 191 3.16 5.59 -20.87
N THR B 192 3.96 5.83 -21.91
CA THR B 192 4.22 4.86 -22.95
C THR B 192 5.66 4.54 -23.16
N SER B 193 6.13 3.28 -23.21
CA SER B 193 7.48 3.00 -23.65
C SER B 193 7.38 1.97 -24.76
N ASP B 194 8.04 2.02 -25.93
CA ASP B 194 8.03 0.85 -26.83
C ASP B 194 9.16 -0.06 -26.31
N SER B 195 8.75 -0.57 -25.15
CA SER B 195 9.38 -1.40 -24.18
C SER B 195 9.98 -2.57 -24.87
N ASN B 196 9.62 -3.83 -24.50
CA ASN B 196 10.36 -5.00 -24.85
C ASN B 196 11.79 -4.62 -24.41
N ILE B 197 12.62 -3.88 -25.17
CA ILE B 197 13.95 -3.71 -24.71
C ILE B 197 14.03 -2.66 -23.66
N ARG B 198 14.23 -1.39 -23.95
CA ARG B 198 14.59 -0.55 -22.86
C ARG B 198 14.57 0.85 -23.48
N GLU B 199 15.38 1.61 -22.68
CA GLU B 199 15.69 3.00 -22.75
C GLU B 199 14.52 3.97 -23.02
N THR B 200 14.90 5.25 -23.11
CA THR B 200 14.00 6.37 -23.18
C THR B 200 13.47 6.35 -24.57
N VAL B 201 12.31 5.97 -24.08
CA VAL B 201 11.17 5.99 -24.94
C VAL B 201 10.13 5.89 -23.90
N VAL B 202 10.33 6.35 -22.63
CA VAL B 202 9.11 6.43 -21.85
C VAL B 202 8.73 7.86 -22.19
N LYS B 203 7.79 7.85 -23.16
CA LYS B 203 7.21 9.03 -23.76
C LYS B 203 5.80 9.19 -23.27
N ILE B 204 5.12 10.23 -23.77
CA ILE B 204 3.67 10.38 -23.61
C ILE B 204 3.19 10.38 -25.05
N LEU B 205 2.46 9.30 -25.30
CA LEU B 205 1.96 8.96 -26.61
C LEU B 205 0.55 8.52 -26.26
N SER B 206 -0.46 8.79 -27.10
CA SER B 206 -1.86 8.33 -26.98
C SER B 206 -2.04 6.97 -26.39
N CYS B 207 -3.14 6.77 -25.69
CA CYS B 207 -3.47 5.49 -25.09
C CYS B 207 -4.06 4.47 -26.09
N GLY B 208 -4.41 4.91 -27.30
CA GLY B 208 -5.16 4.14 -28.27
C GLY B 208 -4.65 2.77 -28.69
N PRO B 209 -3.36 2.51 -28.95
CA PRO B 209 -2.91 1.17 -29.24
C PRO B 209 -3.15 0.21 -28.10
N ALA B 210 -3.29 0.75 -26.91
CA ALA B 210 -3.40 0.11 -25.62
C ALA B 210 -2.37 -0.95 -25.39
N SER B 211 -1.09 -0.66 -25.61
CA SER B 211 -0.09 -1.72 -25.53
C SER B 211 0.40 -2.19 -24.18
N SER B 212 1.04 -3.34 -24.14
CA SER B 212 1.81 -3.75 -23.00
C SER B 212 2.86 -2.65 -22.90
N GLY B 213 3.46 -2.01 -21.91
CA GLY B 213 4.39 -0.88 -22.31
C GLY B 213 3.72 0.47 -22.12
N GLN B 214 2.39 0.39 -22.15
CA GLN B 214 1.54 1.43 -21.61
C GLN B 214 0.91 0.82 -20.35
N ARG B 215 1.20 -0.44 -19.90
CA ARG B 215 0.64 -0.98 -18.66
C ARG B 215 1.76 -1.10 -17.63
N TRP B 216 1.40 -0.72 -16.41
CA TRP B 216 2.34 -0.48 -15.33
C TRP B 216 1.79 -0.85 -14.01
N MET B 217 2.62 -1.49 -13.18
CA MET B 217 2.19 -1.76 -11.81
C MET B 217 3.05 -1.04 -10.72
N PHE B 218 2.44 -0.38 -9.71
CA PHE B 218 3.16 0.18 -8.57
C PHE B 218 3.30 -0.95 -7.56
N LYS B 219 4.52 -1.40 -7.37
CA LYS B 219 4.78 -2.55 -6.51
C LYS B 219 5.06 -2.16 -5.09
N ASN B 220 5.09 -3.16 -4.21
CA ASN B 220 5.29 -2.93 -2.79
C ASN B 220 6.66 -2.36 -2.45
N ASP B 221 7.63 -2.64 -3.29
CA ASP B 221 8.97 -2.26 -3.01
C ASP B 221 9.32 -0.88 -3.50
N GLY B 222 8.29 -0.14 -3.90
CA GLY B 222 8.45 1.19 -4.42
C GLY B 222 8.75 1.25 -5.92
N THR B 223 8.93 0.19 -6.71
CA THR B 223 9.20 0.38 -8.11
C THR B 223 7.90 0.44 -8.94
N ILE B 224 7.95 1.03 -10.14
CA ILE B 224 6.89 1.07 -11.10
C ILE B 224 7.30 0.15 -12.23
N LEU B 225 6.66 -1.02 -12.28
CA LEU B 225 7.01 -2.11 -13.16
C LEU B 225 6.22 -2.07 -14.47
N ASN B 226 6.90 -2.44 -15.52
CA ASN B 226 6.21 -2.69 -16.79
C ASN B 226 5.85 -4.18 -16.80
N LEU B 227 4.63 -4.59 -16.53
CA LEU B 227 4.22 -6.01 -16.52
C LEU B 227 4.26 -6.36 -17.98
N TYR B 228 5.18 -7.20 -18.43
CA TYR B 228 5.35 -7.74 -19.79
C TYR B 228 6.84 -7.92 -20.04
N SER B 229 7.58 -6.80 -20.04
CA SER B 229 9.00 -6.73 -20.23
C SER B 229 9.61 -7.10 -18.93
N GLY B 230 8.97 -6.87 -17.80
CA GLY B 230 9.58 -7.17 -16.52
C GLY B 230 10.61 -6.12 -16.02
N LEU B 231 10.79 -4.98 -16.66
CA LEU B 231 11.71 -3.93 -16.29
C LEU B 231 11.00 -2.80 -15.54
N VAL B 232 11.72 -2.04 -14.73
CA VAL B 232 11.12 -0.98 -13.93
C VAL B 232 11.40 0.47 -14.40
N LEU B 233 10.65 1.51 -14.02
CA LEU B 233 10.96 2.89 -14.38
C LEU B 233 12.27 3.23 -13.69
N ASP B 234 13.22 3.81 -14.45
CA ASP B 234 14.54 4.15 -13.99
C ASP B 234 14.97 5.53 -14.47
N VAL B 235 15.40 6.48 -13.61
CA VAL B 235 15.95 7.81 -13.98
C VAL B 235 17.36 7.55 -14.52
N ARG B 236 17.70 7.89 -15.76
CA ARG B 236 18.98 7.51 -16.39
C ARG B 236 20.12 8.03 -15.51
N ALA B 237 21.19 7.28 -15.20
CA ALA B 237 22.33 7.70 -14.33
C ALA B 237 22.16 8.18 -12.91
N SER B 238 20.93 8.37 -12.45
CA SER B 238 20.51 8.97 -11.20
C SER B 238 20.73 10.44 -11.40
N ASP B 239 20.63 10.85 -12.64
CA ASP B 239 20.91 12.21 -12.93
C ASP B 239 19.63 12.86 -13.40
N PRO B 240 18.80 13.45 -12.57
CA PRO B 240 17.67 14.31 -12.96
C PRO B 240 17.85 15.25 -14.17
N SER B 241 19.01 15.85 -14.40
CA SER B 241 19.05 16.84 -15.45
C SER B 241 19.15 16.21 -16.83
N LEU B 242 19.58 14.96 -17.01
CA LEU B 242 19.48 14.35 -18.34
C LEU B 242 18.04 14.32 -18.90
N LYS B 243 17.05 14.58 -18.06
CA LYS B 243 15.65 14.61 -18.40
C LYS B 243 15.03 13.39 -19.13
N GLN B 244 15.48 12.16 -18.79
CA GLN B 244 15.08 10.90 -19.41
C GLN B 244 14.73 9.88 -18.37
N ILE B 245 13.58 9.22 -18.51
CA ILE B 245 13.17 8.17 -17.59
C ILE B 245 13.26 7.00 -18.51
N ILE B 246 14.19 6.12 -18.33
CA ILE B 246 14.31 4.98 -19.19
C ILE B 246 13.54 3.83 -18.54
N LEU B 247 13.69 2.66 -19.11
CA LEU B 247 13.14 1.41 -18.60
C LEU B 247 14.44 0.63 -18.43
N TYR B 248 14.61 -0.11 -17.32
CA TYR B 248 15.85 -0.81 -17.01
C TYR B 248 15.55 -1.91 -16.00
N PRO B 249 16.29 -3.02 -15.87
CA PRO B 249 16.10 -3.97 -14.77
C PRO B 249 16.40 -3.50 -13.31
N LEU B 250 15.58 -4.08 -12.45
CA LEU B 250 15.65 -3.83 -11.02
C LEU B 250 17.01 -4.18 -10.41
N HIS B 251 17.64 -3.08 -9.94
CA HIS B 251 18.76 -3.23 -9.03
C HIS B 251 18.22 -2.90 -7.67
N GLY B 252 17.44 -1.85 -7.49
CA GLY B 252 16.83 -1.46 -6.22
C GLY B 252 17.30 -0.08 -5.72
N ASP B 253 18.06 0.69 -6.51
CA ASP B 253 18.64 1.94 -6.06
C ASP B 253 17.61 3.02 -5.99
N PRO B 254 17.82 4.21 -5.37
CA PRO B 254 16.81 5.28 -5.28
C PRO B 254 16.23 5.79 -6.58
N ASN B 255 16.91 5.63 -7.72
CA ASN B 255 16.48 6.14 -8.99
C ASN B 255 15.42 5.26 -9.64
N GLN B 256 15.04 4.22 -8.89
CA GLN B 256 13.99 3.32 -9.32
C GLN B 256 12.95 3.29 -8.24
N ILE B 257 13.00 4.16 -7.21
CA ILE B 257 12.00 4.11 -6.16
C ILE B 257 11.19 5.38 -6.27
N TRP B 258 9.87 5.12 -6.31
CA TRP B 258 8.84 6.11 -6.52
C TRP B 258 7.79 6.06 -5.43
N LEU B 259 6.97 7.08 -5.24
CA LEU B 259 5.94 7.03 -4.21
C LEU B 259 4.69 7.78 -4.65
N PRO B 260 3.50 7.19 -4.48
CA PRO B 260 2.25 7.90 -4.69
C PRO B 260 1.77 8.76 -3.52
N LEU B 261 1.97 10.07 -3.66
CA LEU B 261 1.67 11.01 -2.59
C LEU B 261 0.31 11.64 -2.84
N PHE B 262 -0.72 11.30 -2.09
CA PHE B 262 -2.05 11.84 -2.22
C PHE B 262 -2.48 12.71 -1.05
#